data_3M18
#
_entry.id   3M18
#
_cell.length_a   46.794
_cell.length_b   68.116
_cell.length_c   59.751
_cell.angle_alpha   90.00
_cell.angle_beta   110.94
_cell.angle_gamma   90.00
#
_symmetry.space_group_name_H-M   'P 1 21 1'
#
loop_
_entity.id
_entity.type
_entity.pdbx_description
1 polymer 'Variable lymphocyte receptor A diversity region'
2 polymer 'Lysozyme C'
3 non-polymer 'PHOSPHATE ION'
4 water water
#
loop_
_entity_poly.entity_id
_entity_poly.type
_entity_poly.pdbx_seq_one_letter_code
_entity_poly.pdbx_strand_id
1 'polypeptide(L)'
;MKTCETVTGCTCNEGKKEVDCQGKSLDSVPSGIPADTEKLDLQSTGLATLSDATFRGLTKLTWLNLDYNQLQTLSAGVFD
DLTELGTLGLANNQLASLPLGVFDHLTQLDKLYLGGNQLKSLPSGVFDRLTKLKELRLNTNQLQSIPAGAFDKLTNLQTL
SLSTNQLQSVPHGAFDRLGKLQTITLFGNQFDCSRCETLYLSQWIRENSNKVKDGTGQNLHESPDGVTCSDGKVVRTVTN
ETLKYECPFVE
;
A
2 'polypeptide(L)'
;KVFGRCELAAAMKRHGLDNYRGYSLGNWVCAAKFESNFNTQATNRNTDGSTDYGILQINSRWWCNDGRTPGSRNLCNIPC
SALLSSDITASVNCAKKIVSDGNGMNAWVAWRNRCKGTDVQAWIRGCRL
;
B
#
loop_
_chem_comp.id
_chem_comp.type
_chem_comp.name
_chem_comp.formula
PO4 non-polymer 'PHOSPHATE ION' 'O4 P -3'
#
# COMPACT_ATOMS: atom_id res chain seq x y z
N THR A 3 28.51 8.84 8.85
CA THR A 3 29.38 9.20 7.67
C THR A 3 30.11 7.95 7.17
N CYS A 4 29.75 7.48 5.96
CA CYS A 4 30.31 6.21 5.41
C CYS A 4 31.72 6.36 4.88
N GLU A 5 32.66 5.57 5.40
CA GLU A 5 34.07 5.65 4.97
C GLU A 5 34.24 5.22 3.49
N THR A 6 33.37 4.31 3.05
CA THR A 6 33.58 3.52 1.84
C THR A 6 32.43 3.77 0.80
N VAL A 7 31.40 4.51 1.23
CA VAL A 7 30.22 4.82 0.39
C VAL A 7 29.99 6.33 0.39
N THR A 8 30.44 7.00 -0.67
CA THR A 8 30.46 8.50 -0.63
C THR A 8 29.10 9.15 -0.48
N GLY A 9 28.97 10.01 0.52
CA GLY A 9 27.78 10.82 0.68
C GLY A 9 26.58 10.08 1.27
N CYS A 10 26.76 8.80 1.66
CA CYS A 10 25.77 8.08 2.48
C CYS A 10 26.22 8.03 3.95
N THR A 11 25.30 7.67 4.84
CA THR A 11 25.65 7.52 6.26
C THR A 11 25.61 6.06 6.67
N CYS A 12 26.40 5.72 7.68
CA CYS A 12 26.62 4.34 8.03
C CYS A 12 26.55 4.12 9.53
N ASN A 13 26.25 2.88 9.90
CA ASN A 13 26.41 2.40 11.26
C ASN A 13 27.07 1.07 11.07
N GLU A 14 28.40 1.06 11.16
CA GLU A 14 29.18 -0.13 10.83
C GLU A 14 28.85 -1.24 11.82
N GLY A 15 28.49 -0.83 13.04
CA GLY A 15 28.08 -1.75 14.10
C GLY A 15 26.81 -2.48 13.74
N LYS A 16 25.81 -1.73 13.32
CA LYS A 16 24.53 -2.29 12.91
C LYS A 16 24.53 -2.76 11.43
N LYS A 17 25.67 -2.60 10.75
CA LYS A 17 25.86 -3.03 9.33
C LYS A 17 24.81 -2.36 8.44
N GLU A 18 24.62 -1.07 8.67
CA GLU A 18 23.64 -0.26 8.00
C GLU A 18 24.31 0.78 7.10
N VAL A 19 23.74 0.92 5.90
CA VAL A 19 24.13 1.93 4.91
C VAL A 19 22.84 2.66 4.52
N ASP A 20 22.85 3.97 4.74
CA ASP A 20 21.68 4.80 4.49
C ASP A 20 22.02 5.88 3.48
N CYS A 21 21.39 5.76 2.31
CA CYS A 21 21.59 6.69 1.22
C CYS A 21 20.32 7.42 0.91
N GLN A 22 19.32 7.24 1.78
CA GLN A 22 18.00 7.82 1.56
C GLN A 22 18.10 9.30 1.27
N GLY A 23 17.37 9.74 0.27
CA GLY A 23 17.32 11.12 -0.12
C GLY A 23 18.59 11.65 -0.78
N LYS A 24 19.57 10.80 -1.08
CA LYS A 24 20.73 11.25 -1.88
C LYS A 24 20.45 10.95 -3.35
N SER A 25 20.63 11.93 -4.23
CA SER A 25 20.53 11.68 -5.67
C SER A 25 21.57 10.67 -6.11
N LEU A 26 21.12 9.48 -6.51
CA LEU A 26 22.05 8.48 -7.01
C LEU A 26 21.94 8.33 -8.53
N ASP A 27 23.11 8.22 -9.18
CA ASP A 27 23.25 7.97 -10.62
C ASP A 27 23.41 6.47 -10.89
N SER A 28 23.63 5.71 -9.82
CA SER A 28 23.75 4.26 -9.86
C SER A 28 23.87 3.83 -8.41
N VAL A 29 23.73 2.54 -8.15
CA VAL A 29 23.96 2.02 -6.78
C VAL A 29 25.47 2.06 -6.48
N PRO A 30 25.90 2.72 -5.38
CA PRO A 30 27.34 2.90 -5.09
C PRO A 30 28.17 1.60 -5.07
N SER A 31 29.41 1.62 -5.60
CA SER A 31 30.23 0.38 -5.65
C SER A 31 30.93 -0.06 -4.33
N GLY A 32 31.12 0.89 -3.41
CA GLY A 32 31.85 0.61 -2.17
C GLY A 32 31.06 0.07 -0.99
N ILE A 33 29.80 -0.29 -1.19
CA ILE A 33 28.98 -0.89 -0.10
C ILE A 33 29.69 -2.09 0.51
N PRO A 34 29.92 -2.08 1.86
CA PRO A 34 30.58 -3.26 2.50
C PRO A 34 29.87 -4.56 2.19
N ALA A 35 30.64 -5.61 1.91
CA ALA A 35 30.08 -6.84 1.43
C ALA A 35 29.30 -7.57 2.53
N ASP A 36 29.45 -7.11 3.78
CA ASP A 36 28.70 -7.63 4.90
C ASP A 36 27.54 -6.71 5.37
N THR A 37 27.19 -5.73 4.56
CA THR A 37 26.06 -4.85 4.87
C THR A 37 24.77 -5.72 5.08
N GLU A 38 23.98 -5.38 6.08
CA GLU A 38 22.69 -6.06 6.35
C GLU A 38 21.48 -5.22 6.03
N LYS A 39 21.62 -3.91 6.17
CA LYS A 39 20.52 -3.02 5.94
C LYS A 39 20.93 -1.96 4.95
N LEU A 40 20.23 -1.89 3.83
CA LEU A 40 20.54 -0.91 2.79
C LEU A 40 19.31 -0.07 2.42
N ASP A 41 19.42 1.24 2.65
CA ASP A 41 18.31 2.12 2.43
C ASP A 41 18.63 2.96 1.20
N LEU A 42 17.79 2.80 0.17
CA LEU A 42 17.98 3.48 -1.10
C LEU A 42 16.73 4.22 -1.49
N GLN A 43 15.88 4.48 -0.48
CA GLN A 43 14.62 5.15 -0.72
C GLN A 43 14.87 6.58 -1.19
N SER A 44 14.11 7.03 -2.18
CA SER A 44 14.14 8.43 -2.69
C SER A 44 15.52 8.82 -3.19
N THR A 45 16.18 7.92 -3.90
CA THR A 45 17.51 8.23 -4.47
C THR A 45 17.42 8.53 -5.96
N GLY A 46 16.23 8.37 -6.52
CA GLY A 46 16.04 8.67 -7.92
C GLY A 46 16.45 7.54 -8.84
N LEU A 47 16.58 6.33 -8.29
CA LEU A 47 16.97 5.17 -9.12
C LEU A 47 15.97 4.86 -10.20
N ALA A 48 16.49 4.64 -11.40
CA ALA A 48 15.61 4.55 -12.57
C ALA A 48 15.57 3.13 -13.17
N THR A 49 16.60 2.35 -12.87
CA THR A 49 16.75 1.01 -13.41
C THR A 49 17.47 0.16 -12.35
N LEU A 50 17.26 -1.16 -12.40
CA LEU A 50 18.17 -2.07 -11.72
C LEU A 50 18.50 -3.17 -12.74
N SER A 51 19.55 -3.94 -12.47
CA SER A 51 19.94 -5.03 -13.37
C SER A 51 20.44 -6.23 -12.53
N ASP A 52 20.72 -7.34 -13.20
CA ASP A 52 21.15 -8.56 -12.52
C ASP A 52 22.37 -8.39 -11.62
N ALA A 53 23.22 -7.42 -11.94
CA ALA A 53 24.44 -7.21 -11.22
C ALA A 53 24.41 -6.11 -10.16
N THR A 54 23.33 -5.33 -10.07
CA THR A 54 23.23 -4.18 -9.15
C THR A 54 23.57 -4.48 -7.66
N PHE A 55 23.06 -5.61 -7.14
CA PHE A 55 23.24 -5.99 -5.71
C PHE A 55 24.16 -7.20 -5.56
N ARG A 56 24.88 -7.54 -6.64
CA ARG A 56 25.67 -8.75 -6.64
C ARG A 56 26.73 -8.66 -5.55
N GLY A 57 26.87 -9.74 -4.79
CA GLY A 57 27.79 -9.75 -3.67
C GLY A 57 27.27 -9.29 -2.31
N LEU A 58 26.06 -8.72 -2.26
CA LEU A 58 25.50 -8.22 -0.99
C LEU A 58 24.67 -9.32 -0.33
N THR A 59 25.34 -10.44 -0.03
CA THR A 59 24.69 -11.69 0.35
C THR A 59 24.19 -11.73 1.80
N LYS A 60 24.56 -10.74 2.60
CA LYS A 60 24.12 -10.61 3.99
C LYS A 60 22.90 -9.69 4.15
N LEU A 61 22.46 -9.08 3.06
CA LEU A 61 21.35 -8.14 3.18
C LEU A 61 20.14 -8.88 3.77
N THR A 62 19.51 -8.23 4.76
CA THR A 62 18.25 -8.74 5.32
C THR A 62 17.10 -7.72 5.11
N TRP A 63 17.47 -6.50 4.73
CA TRP A 63 16.51 -5.41 4.63
C TRP A 63 17.01 -4.57 3.47
N LEU A 64 16.15 -4.40 2.48
CA LEU A 64 16.47 -3.56 1.35
C LEU A 64 15.29 -2.64 1.08
N ASN A 65 15.54 -1.34 1.02
CA ASN A 65 14.46 -0.33 0.83
C ASN A 65 14.68 0.45 -0.48
N LEU A 66 13.83 0.15 -1.47
CA LEU A 66 13.81 0.84 -2.75
C LEU A 66 12.56 1.67 -2.93
N ASP A 67 11.91 2.07 -1.83
CA ASP A 67 10.65 2.84 -1.98
C ASP A 67 10.92 4.23 -2.58
N TYR A 68 9.91 4.74 -3.29
CA TYR A 68 9.95 6.11 -3.82
C TYR A 68 11.09 6.37 -4.81
N ASN A 69 11.25 5.45 -5.76
CA ASN A 69 12.21 5.61 -6.84
C ASN A 69 11.46 5.65 -8.14
N GLN A 70 12.12 5.48 -9.27
CA GLN A 70 11.46 5.62 -10.56
C GLN A 70 11.51 4.35 -11.36
N LEU A 71 11.46 3.21 -10.68
CA LEU A 71 11.66 1.93 -11.32
C LEU A 71 10.43 1.55 -12.15
N GLN A 72 10.61 1.21 -13.43
CA GLN A 72 9.45 0.80 -14.26
C GLN A 72 9.39 -0.71 -14.49
N THR A 73 10.56 -1.35 -14.49
CA THR A 73 10.61 -2.82 -14.61
C THR A 73 11.72 -3.27 -13.71
N LEU A 74 11.76 -4.57 -13.46
CA LEU A 74 12.88 -5.23 -12.79
C LEU A 74 13.45 -6.30 -13.73
N SER A 75 14.68 -6.75 -13.47
CA SER A 75 15.24 -7.87 -14.21
C SER A 75 14.99 -9.16 -13.44
N ALA A 76 14.94 -10.28 -14.15
CA ALA A 76 14.56 -11.55 -13.55
C ALA A 76 15.51 -11.91 -12.41
N GLY A 77 16.76 -11.43 -12.50
CA GLY A 77 17.83 -11.83 -11.56
C GLY A 77 18.34 -10.79 -10.58
N VAL A 78 17.67 -9.66 -10.52
CA VAL A 78 18.11 -8.52 -9.72
C VAL A 78 18.29 -8.85 -8.23
N PHE A 79 17.49 -9.79 -7.69
CA PHE A 79 17.58 -10.11 -6.28
C PHE A 79 18.27 -11.45 -5.98
N ASP A 80 18.87 -12.05 -7.02
CA ASP A 80 19.49 -13.40 -7.01
C ASP A 80 20.35 -13.72 -5.78
N ASP A 81 21.27 -12.80 -5.48
CA ASP A 81 22.25 -13.06 -4.42
C ASP A 81 21.68 -12.92 -3.02
N LEU A 82 20.50 -12.31 -2.90
CA LEU A 82 20.00 -11.82 -1.64
C LEU A 82 19.18 -12.85 -0.87
N THR A 83 19.82 -13.99 -0.58
CA THR A 83 19.09 -15.15 -0.03
C THR A 83 18.63 -15.03 1.42
N GLU A 84 19.13 -14.03 2.15
CA GLU A 84 18.73 -13.83 3.54
C GLU A 84 17.78 -12.64 3.69
N LEU A 85 17.29 -12.11 2.58
CA LEU A 85 16.46 -10.91 2.69
C LEU A 85 15.17 -11.24 3.47
N GLY A 86 14.85 -10.38 4.43
CA GLY A 86 13.62 -10.49 5.21
C GLY A 86 12.57 -9.41 4.84
N THR A 87 13.04 -8.24 4.42
CA THR A 87 12.14 -7.11 4.05
C THR A 87 12.54 -6.52 2.70
N LEU A 88 11.58 -6.41 1.79
CA LEU A 88 11.79 -5.74 0.51
C LEU A 88 10.81 -4.60 0.31
N GLY A 89 11.36 -3.38 0.23
CA GLY A 89 10.55 -2.19 -0.04
C GLY A 89 10.64 -1.83 -1.50
N LEU A 90 9.53 -2.01 -2.23
CA LEU A 90 9.42 -1.63 -3.63
C LEU A 90 8.20 -0.72 -3.86
N ALA A 91 7.69 -0.14 -2.77
CA ALA A 91 6.47 0.71 -2.83
C ALA A 91 6.71 2.05 -3.53
N ASN A 92 5.68 2.57 -4.21
CA ASN A 92 5.78 3.95 -4.79
C ASN A 92 6.89 4.18 -5.80
N ASN A 93 7.07 3.15 -6.62
CA ASN A 93 7.84 3.24 -7.82
C ASN A 93 6.82 3.32 -8.97
N GLN A 94 7.21 3.01 -10.20
CA GLN A 94 6.29 3.06 -11.30
C GLN A 94 6.23 1.72 -11.94
N LEU A 95 6.23 0.64 -11.15
CA LEU A 95 6.43 -0.68 -11.76
C LEU A 95 5.24 -1.10 -12.60
N ALA A 96 5.50 -1.46 -13.86
CA ALA A 96 4.42 -1.81 -14.78
C ALA A 96 4.16 -3.31 -14.84
N SER A 97 5.15 -4.10 -14.40
CA SER A 97 5.10 -5.56 -14.44
C SER A 97 6.19 -6.10 -13.51
N LEU A 98 6.15 -7.40 -13.25
CA LEU A 98 7.19 -8.10 -12.50
C LEU A 98 7.68 -9.23 -13.43
N PRO A 99 8.99 -9.53 -13.44
CA PRO A 99 9.50 -10.68 -14.19
C PRO A 99 9.07 -12.02 -13.56
N LEU A 100 8.87 -13.06 -14.36
CA LEU A 100 8.79 -14.44 -13.86
C LEU A 100 9.98 -14.73 -12.96
N GLY A 101 9.69 -15.39 -11.82
CA GLY A 101 10.73 -15.75 -10.86
C GLY A 101 11.50 -14.67 -10.11
N VAL A 102 11.12 -13.42 -10.27
CA VAL A 102 11.83 -12.32 -9.60
C VAL A 102 12.10 -12.48 -8.07
N PHE A 103 11.19 -13.13 -7.33
CA PHE A 103 11.40 -13.32 -5.88
C PHE A 103 11.83 -14.74 -5.47
N ASP A 104 12.13 -15.62 -6.43
CA ASP A 104 12.33 -17.05 -6.13
C ASP A 104 13.49 -17.39 -5.17
N HIS A 105 14.53 -16.54 -5.11
CA HIS A 105 15.65 -16.78 -4.19
C HIS A 105 15.43 -16.25 -2.76
N LEU A 106 14.30 -15.56 -2.56
CA LEU A 106 14.07 -14.87 -1.30
C LEU A 106 13.25 -15.74 -0.35
N THR A 107 13.74 -16.93 -0.06
CA THR A 107 12.91 -17.87 0.67
C THR A 107 12.63 -17.45 2.12
N GLN A 108 13.45 -16.52 2.66
CA GLN A 108 13.29 -15.99 4.04
C GLN A 108 12.45 -14.70 4.10
N LEU A 109 11.92 -14.27 2.97
CA LEU A 109 11.25 -12.98 2.95
C LEU A 109 10.06 -12.98 3.91
N ASP A 110 9.99 -11.92 4.71
CA ASP A 110 8.98 -11.74 5.74
C ASP A 110 7.96 -10.66 5.31
N LYS A 111 8.46 -9.55 4.77
CA LYS A 111 7.61 -8.42 4.29
C LYS A 111 7.99 -8.02 2.85
N LEU A 112 6.96 -7.92 2.03
CA LEU A 112 7.08 -7.48 0.66
C LEU A 112 6.11 -6.27 0.34
N TYR A 113 6.68 -5.08 0.10
CA TYR A 113 5.86 -3.89 -0.09
C TYR A 113 5.86 -3.56 -1.56
N LEU A 114 4.74 -3.79 -2.23
CA LEU A 114 4.60 -3.45 -3.66
C LEU A 114 3.49 -2.43 -3.93
N GLY A 115 3.06 -1.75 -2.87
CA GLY A 115 1.93 -0.79 -2.92
C GLY A 115 2.29 0.44 -3.73
N GLY A 116 1.31 0.98 -4.47
CA GLY A 116 1.53 2.27 -5.11
C GLY A 116 2.35 2.17 -6.36
N ASN A 117 2.20 1.08 -7.09
CA ASN A 117 2.83 0.89 -8.41
C ASN A 117 1.77 0.93 -9.51
N GLN A 118 2.09 0.35 -10.67
CA GLN A 118 1.18 0.30 -11.83
C GLN A 118 1.01 -1.13 -12.33
N LEU A 119 1.08 -2.10 -11.41
CA LEU A 119 0.90 -3.52 -11.77
C LEU A 119 -0.48 -3.84 -12.32
N LYS A 120 -0.52 -4.45 -13.50
CA LYS A 120 -1.80 -4.83 -14.11
C LYS A 120 -2.07 -6.31 -13.92
N SER A 121 -0.97 -7.06 -13.74
CA SER A 121 -1.07 -8.50 -13.59
C SER A 121 0.12 -9.02 -12.81
N LEU A 122 -0.03 -10.25 -12.32
CA LEU A 122 1.02 -10.91 -11.58
C LEU A 122 1.48 -12.16 -12.36
N PRO A 123 2.80 -12.36 -12.45
CA PRO A 123 3.22 -13.58 -13.13
C PRO A 123 2.79 -14.84 -12.41
N SER A 124 2.60 -15.85 -13.23
CA SER A 124 2.37 -17.17 -12.79
C SER A 124 3.37 -17.57 -11.73
N GLY A 125 2.88 -17.80 -10.50
CA GLY A 125 3.65 -18.44 -9.42
C GLY A 125 4.70 -17.57 -8.75
N VAL A 126 4.55 -16.26 -8.91
CA VAL A 126 5.54 -15.25 -8.50
C VAL A 126 5.81 -15.27 -7.00
N PHE A 127 4.81 -15.66 -6.20
CA PHE A 127 5.00 -15.68 -4.75
C PHE A 127 5.30 -17.07 -4.19
N ASP A 128 5.45 -18.08 -5.06
CA ASP A 128 5.38 -19.48 -4.57
C ASP A 128 6.53 -19.86 -3.66
N ARG A 129 7.67 -19.21 -3.84
CA ARG A 129 8.84 -19.56 -3.04
C ARG A 129 8.84 -18.93 -1.67
N LEU A 130 7.87 -18.03 -1.44
CA LEU A 130 7.93 -17.12 -0.26
C LEU A 130 7.11 -17.73 0.87
N THR A 131 7.49 -18.93 1.31
CA THR A 131 6.67 -19.66 2.26
C THR A 131 6.68 -19.10 3.68
N LYS A 132 7.58 -18.17 3.99
CA LYS A 132 7.60 -17.56 5.29
C LYS A 132 7.00 -16.14 5.30
N LEU A 133 6.52 -15.68 4.15
CA LEU A 133 5.99 -14.30 4.04
C LEU A 133 4.87 -14.06 5.02
N LYS A 134 4.98 -12.99 5.81
CA LYS A 134 3.94 -12.61 6.75
C LYS A 134 3.07 -11.45 6.25
N GLU A 135 3.67 -10.60 5.40
CA GLU A 135 3.00 -9.41 4.93
C GLU A 135 3.22 -9.19 3.43
N LEU A 136 2.11 -9.10 2.68
CA LEU A 136 2.18 -8.74 1.26
C LEU A 136 1.27 -7.55 0.95
N ARG A 137 1.87 -6.46 0.46
CA ARG A 137 1.10 -5.25 0.10
C ARG A 137 1.03 -5.13 -1.39
N LEU A 138 -0.18 -5.27 -1.96
CA LEU A 138 -0.37 -5.09 -3.44
C LEU A 138 -1.40 -4.00 -3.77
N ASN A 139 -1.78 -3.28 -2.74
CA ASN A 139 -2.77 -2.24 -2.86
C ASN A 139 -2.29 -1.05 -3.71
N THR A 140 -3.24 -0.32 -4.30
CA THR A 140 -3.00 0.88 -5.07
C THR A 140 -2.08 0.57 -6.28
N ASN A 141 -2.53 -0.42 -7.06
CA ASN A 141 -1.90 -0.79 -8.30
C ASN A 141 -2.99 -0.72 -9.34
N GLN A 142 -2.88 -1.48 -10.42
CA GLN A 142 -3.93 -1.52 -11.44
C GLN A 142 -4.35 -2.97 -11.73
N LEU A 143 -4.35 -3.80 -10.71
CA LEU A 143 -4.51 -5.25 -10.92
C LEU A 143 -5.88 -5.60 -11.46
N GLN A 144 -5.87 -6.24 -12.63
CA GLN A 144 -7.04 -6.67 -13.39
C GLN A 144 -7.55 -8.02 -12.94
N SER A 145 -6.65 -8.87 -12.41
CA SER A 145 -7.07 -10.11 -11.84
C SER A 145 -5.94 -10.63 -10.96
N ILE A 146 -6.25 -11.64 -10.17
CA ILE A 146 -5.27 -12.46 -9.47
C ILE A 146 -5.25 -13.83 -10.16
N PRO A 147 -4.04 -14.37 -10.49
CA PRO A 147 -3.94 -15.74 -11.04
C PRO A 147 -4.53 -16.83 -10.13
N ALA A 148 -5.03 -17.91 -10.71
CA ALA A 148 -5.54 -19.02 -9.87
C ALA A 148 -4.38 -19.48 -8.97
N GLY A 149 -4.64 -19.74 -7.68
CA GLY A 149 -3.59 -20.19 -6.74
C GLY A 149 -2.37 -19.31 -6.44
N ALA A 150 -2.38 -18.06 -6.88
CA ALA A 150 -1.33 -17.06 -6.57
C ALA A 150 -0.87 -17.09 -5.13
N PHE A 151 -1.83 -17.23 -4.20
CA PHE A 151 -1.51 -17.16 -2.76
C PHE A 151 -1.37 -18.53 -2.07
N ASP A 152 -1.51 -19.61 -2.82
CA ASP A 152 -1.56 -21.00 -2.22
C ASP A 152 -0.36 -21.41 -1.37
N LYS A 153 0.83 -20.87 -1.66
CA LYS A 153 2.04 -21.28 -0.91
C LYS A 153 2.28 -20.40 0.30
N LEU A 154 1.43 -19.39 0.45
CA LEU A 154 1.62 -18.37 1.48
C LEU A 154 0.97 -18.69 2.82
N THR A 155 1.33 -19.85 3.38
CA THR A 155 0.62 -20.44 4.50
C THR A 155 0.89 -19.72 5.83
N ASN A 156 1.95 -18.92 5.88
CA ASN A 156 2.24 -18.08 7.05
C ASN A 156 1.75 -16.65 6.96
N LEU A 157 1.09 -16.31 5.87
CA LEU A 157 0.74 -14.91 5.60
C LEU A 157 -0.28 -14.41 6.61
N GLN A 158 -0.06 -13.20 7.13
CA GLN A 158 -0.96 -12.57 8.10
C GLN A 158 -1.74 -11.38 7.52
N THR A 159 -1.08 -10.63 6.62
CA THR A 159 -1.60 -9.36 6.05
C THR A 159 -1.50 -9.39 4.53
N LEU A 160 -2.64 -9.22 3.86
CA LEU A 160 -2.65 -9.14 2.42
C LEU A 160 -3.40 -7.86 2.08
N SER A 161 -2.74 -6.92 1.41
CA SER A 161 -3.43 -5.67 1.05
C SER A 161 -3.71 -5.66 -0.44
N LEU A 162 -5.01 -5.59 -0.80
CA LEU A 162 -5.47 -5.63 -2.22
C LEU A 162 -6.37 -4.44 -2.62
N SER A 163 -6.58 -3.50 -1.71
CA SER A 163 -7.42 -2.33 -1.97
C SER A 163 -6.91 -1.46 -3.14
N THR A 164 -7.84 -0.73 -3.74
CA THR A 164 -7.53 0.18 -4.83
C THR A 164 -6.81 -0.51 -5.98
N ASN A 165 -7.56 -1.39 -6.63
CA ASN A 165 -7.03 -2.11 -7.78
C ASN A 165 -8.16 -2.17 -8.78
N GLN A 166 -8.01 -3.00 -9.81
CA GLN A 166 -9.07 -3.11 -10.80
C GLN A 166 -9.72 -4.52 -10.81
N LEU A 167 -9.87 -5.13 -9.64
CA LEU A 167 -10.43 -6.47 -9.56
C LEU A 167 -11.94 -6.46 -9.76
N GLN A 168 -12.42 -7.41 -10.56
CA GLN A 168 -13.89 -7.63 -10.72
C GLN A 168 -14.31 -8.91 -10.02
N SER A 169 -13.32 -9.74 -9.67
CA SER A 169 -13.58 -10.97 -8.91
C SER A 169 -12.26 -11.53 -8.45
N VAL A 170 -12.31 -12.61 -7.66
CA VAL A 170 -11.13 -13.37 -7.29
C VAL A 170 -11.43 -14.80 -7.76
N PRO A 171 -10.39 -15.58 -8.14
CA PRO A 171 -10.65 -16.97 -8.50
C PRO A 171 -11.23 -17.78 -7.33
N HIS A 172 -11.96 -18.85 -7.63
CA HIS A 172 -12.55 -19.69 -6.61
C HIS A 172 -11.51 -20.25 -5.62
N GLY A 173 -11.79 -20.11 -4.33
CA GLY A 173 -10.88 -20.58 -3.28
C GLY A 173 -9.53 -19.85 -3.18
N ALA A 174 -9.43 -18.67 -3.80
CA ALA A 174 -8.22 -17.83 -3.76
C ALA A 174 -7.55 -17.76 -2.37
N PHE A 175 -8.34 -17.67 -1.30
CA PHE A 175 -7.81 -17.58 0.07
C PHE A 175 -7.78 -18.88 0.91
N ASP A 176 -8.12 -19.99 0.27
CA ASP A 176 -8.19 -21.30 0.96
C ASP A 176 -7.02 -21.61 1.88
N ARG A 177 -5.79 -21.38 1.39
CA ARG A 177 -4.57 -21.85 2.08
C ARG A 177 -4.04 -20.86 3.10
N LEU A 178 -4.73 -19.72 3.24
CA LEU A 178 -4.25 -18.66 4.09
C LEU A 178 -4.74 -18.80 5.54
N GLY A 179 -4.32 -19.90 6.17
CA GLY A 179 -4.79 -20.28 7.51
C GLY A 179 -4.30 -19.34 8.58
N LYS A 180 -3.25 -18.55 8.30
CA LYS A 180 -2.78 -17.56 9.30
C LYS A 180 -3.20 -16.10 9.07
N LEU A 181 -4.06 -15.87 8.05
CA LEU A 181 -4.47 -14.52 7.73
C LEU A 181 -5.18 -13.81 8.90
N GLN A 182 -4.80 -12.57 9.16
CA GLN A 182 -5.45 -11.72 10.14
C GLN A 182 -6.18 -10.56 9.46
N THR A 183 -5.61 -10.06 8.36
CA THR A 183 -6.05 -8.77 7.80
C THR A 183 -6.00 -8.85 6.31
N ILE A 184 -7.10 -8.46 5.67
CA ILE A 184 -7.17 -8.30 4.21
C ILE A 184 -7.84 -7.00 3.90
N THR A 185 -7.34 -6.26 2.91
CA THR A 185 -8.01 -5.03 2.40
C THR A 185 -8.60 -5.34 1.01
N LEU A 186 -9.88 -4.98 0.78
CA LEU A 186 -10.55 -5.35 -0.49
C LEU A 186 -11.32 -4.21 -1.14
N PHE A 187 -11.44 -3.12 -0.42
CA PHE A 187 -12.19 -1.93 -0.86
C PHE A 187 -11.52 -1.29 -2.09
N GLY A 188 -12.25 -0.46 -2.81
CA GLY A 188 -11.69 0.28 -3.94
C GLY A 188 -11.41 -0.54 -5.17
N ASN A 189 -12.10 -1.66 -5.32
CA ASN A 189 -12.00 -2.46 -6.54
C ASN A 189 -13.29 -2.28 -7.39
N GLN A 190 -13.62 -3.18 -8.31
CA GLN A 190 -14.93 -3.05 -9.00
C GLN A 190 -15.53 -4.44 -9.14
N PHE A 191 -15.83 -5.03 -8.00
CA PHE A 191 -16.37 -6.40 -8.01
C PHE A 191 -17.69 -6.45 -8.78
N ASP A 192 -17.73 -7.30 -9.80
CA ASP A 192 -18.93 -7.46 -10.62
C ASP A 192 -19.80 -8.53 -10.00
N CYS A 193 -20.81 -8.08 -9.25
CA CYS A 193 -21.61 -8.97 -8.43
C CYS A 193 -22.72 -9.70 -9.21
N SER A 194 -22.74 -9.48 -10.52
CA SER A 194 -23.50 -10.33 -11.41
C SER A 194 -22.77 -11.66 -11.71
N ARG A 195 -21.47 -11.71 -11.46
CA ARG A 195 -20.67 -12.91 -11.82
C ARG A 195 -20.79 -13.99 -10.80
N CYS A 196 -20.86 -15.25 -11.26
CA CYS A 196 -20.95 -16.39 -10.35
C CYS A 196 -19.78 -16.52 -9.35
N GLU A 197 -18.60 -16.06 -9.77
CA GLU A 197 -17.40 -15.97 -8.92
C GLU A 197 -17.60 -15.16 -7.65
N THR A 198 -18.59 -14.29 -7.66
CA THR A 198 -18.92 -13.45 -6.50
C THR A 198 -19.23 -14.29 -5.31
N LEU A 199 -19.95 -15.41 -5.55
CA LEU A 199 -20.47 -16.25 -4.51
C LEU A 199 -19.39 -16.77 -3.57
N TYR A 200 -18.25 -17.21 -4.15
CA TYR A 200 -17.12 -17.60 -3.28
C TYR A 200 -16.70 -16.42 -2.41
N LEU A 201 -16.55 -15.24 -3.03
CA LEU A 201 -16.10 -14.05 -2.31
C LEU A 201 -17.07 -13.56 -1.22
N SER A 202 -18.36 -13.45 -1.55
CA SER A 202 -19.32 -13.05 -0.54
C SER A 202 -19.36 -14.03 0.62
N GLN A 203 -19.39 -15.35 0.35
CA GLN A 203 -19.38 -16.30 1.47
C GLN A 203 -18.10 -16.21 2.27
N TRP A 204 -16.97 -16.02 1.58
CA TRP A 204 -15.71 -15.84 2.32
C TRP A 204 -15.80 -14.66 3.31
N ILE A 205 -16.20 -13.51 2.82
CA ILE A 205 -16.36 -12.35 3.69
C ILE A 205 -17.32 -12.64 4.84
N ARG A 206 -18.48 -13.23 4.56
CA ARG A 206 -19.35 -13.64 5.72
C ARG A 206 -18.62 -14.53 6.70
N GLU A 207 -17.84 -15.47 6.18
CA GLU A 207 -17.13 -16.42 7.05
C GLU A 207 -15.88 -15.88 7.75
N ASN A 208 -15.34 -14.78 7.23
CA ASN A 208 -14.05 -14.23 7.66
C ASN A 208 -14.16 -12.74 7.92
N SER A 209 -15.34 -12.35 8.43
CA SER A 209 -15.71 -10.95 8.46
C SER A 209 -14.76 -10.11 9.37
N ASN A 210 -14.17 -10.71 10.40
CA ASN A 210 -13.26 -10.02 11.30
C ASN A 210 -11.90 -9.69 10.65
N LYS A 211 -11.62 -10.31 9.49
CA LYS A 211 -10.38 -10.07 8.77
C LYS A 211 -10.44 -8.89 7.81
N VAL A 212 -11.65 -8.46 7.45
CA VAL A 212 -11.81 -7.48 6.37
C VAL A 212 -11.76 -6.08 6.89
N LYS A 213 -10.68 -5.37 6.55
CA LYS A 213 -10.35 -4.09 7.17
C LYS A 213 -10.04 -3.00 6.15
N ASP A 214 -10.07 -1.75 6.61
CA ASP A 214 -9.86 -0.55 5.82
C ASP A 214 -8.41 -0.08 5.88
N GLY A 215 -7.57 -0.87 6.53
CA GLY A 215 -6.11 -0.60 6.61
C GLY A 215 -5.41 -1.85 7.08
N THR A 216 -4.12 -1.74 7.30
CA THR A 216 -3.32 -2.91 7.63
C THR A 216 -2.84 -2.93 9.08
N GLY A 217 -3.06 -1.85 9.81
CA GLY A 217 -2.53 -1.76 11.18
C GLY A 217 -3.25 -2.60 12.21
N GLN A 218 -2.68 -2.59 13.42
CA GLN A 218 -3.25 -3.24 14.60
C GLN A 218 -4.45 -2.50 15.14
N ASN A 219 -5.27 -3.25 15.88
CA ASN A 219 -6.37 -2.67 16.66
C ASN A 219 -7.41 -1.92 15.86
N LEU A 220 -7.58 -2.30 14.59
CA LEU A 220 -8.63 -1.68 13.78
C LEU A 220 -9.84 -2.58 13.74
N HIS A 221 -11.01 -2.08 14.11
CA HIS A 221 -12.24 -2.86 14.04
C HIS A 221 -12.55 -3.22 12.57
N GLU A 222 -13.05 -4.45 12.35
CA GLU A 222 -13.41 -5.00 11.02
C GLU A 222 -14.39 -4.07 10.25
N SER A 223 -14.31 -4.10 8.92
CA SER A 223 -15.27 -3.38 8.07
C SER A 223 -15.76 -4.27 6.99
N PRO A 224 -16.45 -5.38 7.35
CA PRO A 224 -16.94 -6.32 6.34
C PRO A 224 -17.95 -5.69 5.36
N ASP A 225 -18.68 -4.65 5.77
CA ASP A 225 -19.66 -4.04 4.84
C ASP A 225 -19.05 -2.91 4.03
N GLY A 226 -17.75 -2.66 4.21
CA GLY A 226 -17.09 -1.56 3.47
C GLY A 226 -16.66 -1.94 2.07
N VAL A 227 -16.82 -3.21 1.71
CA VAL A 227 -16.51 -3.77 0.38
C VAL A 227 -17.81 -3.91 -0.36
N THR A 228 -17.90 -3.22 -1.48
CA THR A 228 -19.14 -2.96 -2.19
C THR A 228 -18.98 -3.43 -3.66
N CYS A 229 -20.07 -3.92 -4.26
CA CYS A 229 -20.15 -4.28 -5.68
C CYS A 229 -20.02 -3.03 -6.54
N SER A 230 -19.68 -3.18 -7.81
CA SER A 230 -19.69 -2.03 -8.71
C SER A 230 -21.06 -1.32 -8.78
N ASP A 231 -22.15 -2.00 -8.40
CA ASP A 231 -23.48 -1.36 -8.44
C ASP A 231 -23.92 -0.73 -7.12
N GLY A 232 -23.02 -0.76 -6.13
CA GLY A 232 -23.28 -0.14 -4.84
C GLY A 232 -23.69 -1.08 -3.73
N LYS A 233 -24.14 -2.28 -4.08
CA LYS A 233 -24.61 -3.26 -3.07
C LYS A 233 -23.41 -3.71 -2.22
N VAL A 234 -23.63 -4.00 -0.94
CA VAL A 234 -22.57 -4.56 -0.12
C VAL A 234 -22.33 -5.98 -0.63
N VAL A 235 -21.07 -6.36 -0.87
CA VAL A 235 -20.77 -7.70 -1.38
C VAL A 235 -21.30 -8.85 -0.41
N ARG A 236 -21.00 -8.78 0.89
CA ARG A 236 -21.31 -9.89 1.79
C ARG A 236 -22.82 -10.22 1.92
N THR A 237 -23.69 -9.33 1.45
CA THR A 237 -25.16 -9.54 1.45
C THR A 237 -25.62 -10.37 0.25
N VAL A 238 -24.69 -10.64 -0.67
CA VAL A 238 -25.01 -11.34 -1.93
C VAL A 238 -24.81 -12.85 -1.67
N THR A 239 -25.91 -13.61 -1.76
CA THR A 239 -25.90 -15.02 -1.45
C THR A 239 -26.19 -15.80 -2.74
N ASN A 240 -26.15 -17.12 -2.66
CA ASN A 240 -26.50 -18.00 -3.80
C ASN A 240 -27.93 -17.70 -4.30
N GLU A 241 -28.80 -17.41 -3.37
CA GLU A 241 -30.23 -17.10 -3.62
C GLU A 241 -30.35 -15.73 -4.36
N THR A 242 -29.55 -14.74 -3.94
CA THR A 242 -29.48 -13.47 -4.67
C THR A 242 -29.20 -13.69 -6.14
N LEU A 243 -28.30 -14.61 -6.44
CA LEU A 243 -27.89 -14.89 -7.82
C LEU A 243 -28.54 -16.16 -8.38
N LYS A 244 -29.71 -16.55 -7.87
CA LYS A 244 -30.37 -17.76 -8.36
C LYS A 244 -30.63 -17.66 -9.86
N TYR A 245 -31.03 -16.48 -10.36
CA TYR A 245 -31.24 -16.35 -11.80
C TYR A 245 -29.98 -16.52 -12.63
N GLU A 246 -28.91 -15.84 -12.25
CA GLU A 246 -27.64 -15.89 -12.98
C GLU A 246 -26.87 -17.19 -12.79
N CYS A 247 -27.00 -17.79 -11.62
CA CYS A 247 -26.09 -18.86 -11.28
C CYS A 247 -26.82 -20.14 -10.87
N LYS B 1 -14.38 5.92 13.41
CA LYS B 1 -15.68 6.23 12.72
C LYS B 1 -15.53 5.93 11.23
N VAL B 2 -16.50 5.24 10.64
CA VAL B 2 -16.51 5.10 9.20
C VAL B 2 -17.58 6.09 8.67
N PHE B 3 -17.15 7.13 7.94
CA PHE B 3 -18.06 8.15 7.40
C PHE B 3 -18.83 7.59 6.23
N GLY B 4 -20.07 8.06 6.05
CA GLY B 4 -20.75 7.83 4.78
C GLY B 4 -20.24 8.87 3.82
N ARG B 5 -20.42 8.61 2.53
CA ARG B 5 -19.94 9.51 1.49
C ARG B 5 -20.44 10.94 1.64
N CYS B 6 -21.77 11.12 1.65
CA CYS B 6 -22.36 12.44 1.78
C CYS B 6 -22.06 13.11 3.12
N GLU B 7 -22.05 12.30 4.18
CA GLU B 7 -21.65 12.77 5.50
C GLU B 7 -20.22 13.35 5.49
N LEU B 8 -19.32 12.70 4.78
CA LEU B 8 -17.95 13.24 4.75
C LEU B 8 -17.88 14.47 3.84
N ALA B 9 -18.58 14.44 2.71
CA ALA B 9 -18.55 15.61 1.86
C ALA B 9 -18.98 16.84 2.66
N ALA B 10 -20.04 16.68 3.44
CA ALA B 10 -20.62 17.78 4.24
C ALA B 10 -19.58 18.29 5.24
N ALA B 11 -18.88 17.35 5.87
CA ALA B 11 -17.92 17.68 6.89
C ALA B 11 -16.70 18.42 6.29
N MET B 12 -16.22 17.94 5.14
CA MET B 12 -15.06 18.54 4.47
C MET B 12 -15.42 19.93 3.93
N LYS B 13 -16.65 20.10 3.47
CA LYS B 13 -17.12 21.42 3.03
C LYS B 13 -17.18 22.46 4.18
N ARG B 14 -17.72 22.01 5.32
CA ARG B 14 -17.76 22.77 6.57
C ARG B 14 -16.36 23.20 6.99
N HIS B 15 -15.36 22.31 6.83
CA HIS B 15 -13.97 22.59 7.19
C HIS B 15 -13.10 23.29 6.13
N GLY B 16 -13.75 23.76 5.08
CA GLY B 16 -13.09 24.61 4.09
C GLY B 16 -12.26 23.93 3.00
N LEU B 17 -12.52 22.65 2.69
CA LEU B 17 -11.73 21.99 1.64
C LEU B 17 -12.20 22.26 0.21
N ASP B 18 -13.46 22.65 0.02
CA ASP B 18 -13.93 22.92 -1.34
C ASP B 18 -13.14 24.05 -2.04
N ASN B 19 -12.43 23.65 -3.11
CA ASN B 19 -11.55 24.55 -3.86
C ASN B 19 -10.26 24.97 -3.12
N TYR B 20 -9.92 24.32 -2.01
CA TYR B 20 -8.67 24.65 -1.33
C TYR B 20 -7.44 24.33 -2.20
N ARG B 21 -6.61 25.36 -2.46
CA ARG B 21 -5.49 25.25 -3.40
C ARG B 21 -5.90 24.88 -4.81
N GLY B 22 -7.14 25.17 -5.18
CA GLY B 22 -7.60 24.80 -6.51
C GLY B 22 -8.27 23.42 -6.57
N TYR B 23 -8.36 22.72 -5.44
CA TYR B 23 -8.91 21.34 -5.47
C TYR B 23 -10.37 21.25 -5.05
N SER B 24 -11.26 20.98 -5.99
CA SER B 24 -12.71 20.84 -5.68
C SER B 24 -13.01 19.82 -4.60
N LEU B 25 -14.16 20.00 -3.94
CA LEU B 25 -14.63 19.04 -2.90
C LEU B 25 -14.54 17.57 -3.26
N GLY B 26 -14.96 17.23 -4.47
CA GLY B 26 -14.89 15.88 -5.03
C GLY B 26 -13.52 15.26 -4.96
N ASN B 27 -12.45 16.05 -5.17
CA ASN B 27 -11.07 15.53 -5.01
C ASN B 27 -10.77 14.98 -3.61
N TRP B 28 -11.28 15.68 -2.61
CA TRP B 28 -10.99 15.41 -1.21
C TRP B 28 -11.81 14.20 -0.77
N VAL B 29 -13.05 14.13 -1.24
CA VAL B 29 -13.91 12.95 -0.93
C VAL B 29 -13.32 11.66 -1.55
N CYS B 30 -13.07 11.69 -2.84
CA CYS B 30 -12.43 10.61 -3.57
C CYS B 30 -11.09 10.17 -2.92
N ALA B 31 -10.23 11.15 -2.59
CA ALA B 31 -8.98 10.90 -1.90
C ALA B 31 -9.22 10.07 -0.64
N ALA B 32 -10.12 10.53 0.22
CA ALA B 32 -10.46 9.78 1.47
C ALA B 32 -10.96 8.36 1.19
N LYS B 33 -11.73 8.24 0.12
CA LYS B 33 -12.34 6.96 -0.24
C LYS B 33 -11.24 5.93 -0.52
N PHE B 34 -10.29 6.31 -1.37
CA PHE B 34 -9.23 5.33 -1.78
C PHE B 34 -8.02 5.24 -0.87
N GLU B 35 -7.82 6.27 -0.08
CA GLU B 35 -6.77 6.25 0.96
C GLU B 35 -7.20 5.44 2.21
N SER B 36 -8.44 5.64 2.69
CA SER B 36 -8.80 5.06 4.00
C SER B 36 -10.13 4.32 3.99
N ASN B 37 -10.80 4.27 2.84
CA ASN B 37 -12.22 3.77 2.72
C ASN B 37 -13.16 4.56 3.63
N PHE B 38 -12.91 5.87 3.73
CA PHE B 38 -13.63 6.74 4.65
C PHE B 38 -13.46 6.42 6.14
N ASN B 39 -12.44 5.64 6.52
CA ASN B 39 -12.28 5.16 7.90
C ASN B 39 -11.28 6.04 8.67
N THR B 40 -11.77 6.82 9.62
CA THR B 40 -10.87 7.70 10.42
C THR B 40 -9.76 7.00 11.19
N GLN B 41 -9.85 5.69 11.42
CA GLN B 41 -8.84 5.00 12.21
C GLN B 41 -7.85 4.09 11.46
N ALA B 42 -7.98 4.01 10.14
CA ALA B 42 -7.08 3.17 9.30
C ALA B 42 -5.63 3.64 9.46
N THR B 43 -4.72 2.69 9.58
CA THR B 43 -3.32 3.06 9.52
C THR B 43 -2.60 2.07 8.60
N ASN B 44 -1.45 2.48 8.08
CA ASN B 44 -0.60 1.59 7.30
C ASN B 44 0.84 1.93 7.58
N ARG B 45 1.56 0.94 8.05
CA ARG B 45 3.02 1.01 8.19
C ARG B 45 3.80 0.95 6.86
N ASN B 46 4.87 1.73 6.80
CA ASN B 46 5.75 1.85 5.64
C ASN B 46 7.12 1.17 5.87
N THR B 47 7.86 0.90 4.81
CA THR B 47 9.22 0.33 4.93
C THR B 47 10.20 1.16 5.79
N ASP B 48 10.16 2.49 5.67
CA ASP B 48 11.12 3.33 6.39
C ASP B 48 10.72 3.45 7.88
N GLY B 49 9.70 2.70 8.30
CA GLY B 49 9.29 2.70 9.69
C GLY B 49 8.34 3.84 10.07
N SER B 50 8.00 4.71 9.12
CA SER B 50 6.93 5.66 9.33
C SER B 50 5.57 4.94 9.18
N THR B 51 4.51 5.65 9.52
CA THR B 51 3.13 5.16 9.45
C THR B 51 2.22 6.26 8.83
N ASP B 52 1.24 5.79 8.03
CA ASP B 52 0.23 6.69 7.44
C ASP B 52 -1.02 6.60 8.31
N TYR B 53 -1.57 7.75 8.71
CA TYR B 53 -2.64 7.82 9.69
C TYR B 53 -3.95 8.43 9.20
N GLY B 54 -5.02 7.66 9.39
CA GLY B 54 -6.34 8.28 9.45
C GLY B 54 -6.99 8.47 8.12
N ILE B 55 -8.00 9.33 8.08
CA ILE B 55 -8.91 9.32 6.97
C ILE B 55 -8.22 9.77 5.69
N LEU B 56 -7.18 10.60 5.84
CA LEU B 56 -6.39 11.02 4.70
C LEU B 56 -4.93 10.51 4.78
N GLN B 57 -4.67 9.50 5.63
CA GLN B 57 -3.42 8.72 5.56
C GLN B 57 -2.17 9.63 5.61
N ILE B 58 -2.17 10.51 6.61
CA ILE B 58 -1.11 11.48 6.77
C ILE B 58 0.11 10.81 7.46
N ASN B 59 1.30 11.00 6.89
CA ASN B 59 2.45 10.24 7.36
C ASN B 59 3.26 10.80 8.55
N SER B 60 3.88 9.89 9.31
CA SER B 60 4.62 10.30 10.51
C SER B 60 6.08 10.69 10.22
N ARG B 61 6.49 10.59 8.96
CA ARG B 61 7.82 11.03 8.56
C ARG B 61 7.88 12.56 8.52
N TRP B 62 6.94 13.19 7.82
CA TRP B 62 6.98 14.64 7.66
C TRP B 62 5.98 15.41 8.53
N TRP B 63 4.83 14.82 8.80
CA TRP B 63 3.66 15.60 9.19
C TRP B 63 3.23 15.50 10.64
N CYS B 64 3.22 14.31 11.21
CA CYS B 64 2.76 14.23 12.60
C CYS B 64 3.80 13.46 13.38
N ASN B 65 3.84 13.64 14.70
CA ASN B 65 4.74 12.90 15.56
C ASN B 65 4.04 11.67 16.14
N ASP B 66 4.55 10.46 15.84
CA ASP B 66 4.08 9.23 16.51
C ASP B 66 5.09 8.62 17.51
N GLY B 67 6.21 9.31 17.72
CA GLY B 67 7.19 8.88 18.71
C GLY B 67 7.96 7.60 18.38
N ARG B 68 7.77 7.07 17.16
CA ARG B 68 8.45 5.84 16.75
C ARG B 68 9.02 5.94 15.35
N THR B 69 9.06 7.15 14.81
CA THR B 69 9.50 7.37 13.42
C THR B 69 10.81 8.15 13.29
N PRO B 70 11.87 7.49 12.75
CA PRO B 70 13.20 8.06 12.45
C PRO B 70 13.21 9.24 11.48
N GLY B 71 13.97 10.28 11.82
CA GLY B 71 14.03 11.54 11.04
C GLY B 71 12.69 12.23 10.81
N SER B 72 11.82 12.18 11.81
CA SER B 72 10.50 12.84 11.67
C SER B 72 10.63 14.37 11.77
N ARG B 73 9.77 15.10 11.06
CA ARG B 73 9.83 16.57 11.02
C ARG B 73 8.60 17.22 11.69
N ASN B 74 7.56 16.42 11.90
CA ASN B 74 6.34 16.88 12.57
C ASN B 74 5.91 18.27 12.13
N LEU B 75 5.73 18.47 10.83
CA LEU B 75 5.43 19.81 10.30
C LEU B 75 4.03 20.33 10.66
N CYS B 76 3.12 19.41 11.00
CA CYS B 76 1.79 19.80 11.48
C CYS B 76 1.72 20.08 13.00
N ASN B 77 2.80 19.78 13.74
CA ASN B 77 2.88 20.04 15.19
C ASN B 77 1.74 19.37 15.95
N ILE B 78 1.65 18.05 15.80
CA ILE B 78 0.49 17.28 16.23
C ILE B 78 0.91 15.81 16.42
N PRO B 79 0.49 15.19 17.53
CA PRO B 79 0.61 13.76 17.68
C PRO B 79 -0.24 13.09 16.63
N CYS B 80 0.25 11.98 16.08
CA CYS B 80 -0.45 11.30 14.99
C CYS B 80 -1.79 10.73 15.50
N SER B 81 -1.81 10.40 16.79
CA SER B 81 -3.02 9.97 17.49
C SER B 81 -4.20 10.94 17.28
N ALA B 82 -3.92 12.25 17.16
CA ALA B 82 -4.92 13.28 16.89
C ALA B 82 -5.52 13.13 15.49
N LEU B 83 -4.83 12.43 14.62
CA LEU B 83 -5.33 12.24 13.27
C LEU B 83 -6.17 10.92 13.19
N LEU B 84 -6.43 10.29 14.33
CA LEU B 84 -7.29 9.09 14.40
C LEU B 84 -8.68 9.36 15.00
N SER B 85 -8.98 10.63 15.29
CA SER B 85 -10.21 11.02 15.94
C SER B 85 -11.41 10.91 15.00
N SER B 86 -12.61 10.86 15.57
CA SER B 86 -13.82 10.82 14.76
C SER B 86 -14.14 12.18 14.15
N ASP B 87 -13.64 13.24 14.81
CA ASP B 87 -13.69 14.64 14.34
C ASP B 87 -12.54 14.87 13.37
N ILE B 88 -12.84 15.36 12.18
CA ILE B 88 -11.81 15.40 11.10
C ILE B 88 -10.99 16.68 11.09
N THR B 89 -11.29 17.59 12.01
CA THR B 89 -10.63 18.90 12.09
C THR B 89 -9.09 18.81 11.96
N ALA B 90 -8.46 18.03 12.81
CA ALA B 90 -7.02 17.92 12.78
C ALA B 90 -6.43 17.37 11.44
N SER B 91 -7.06 16.34 10.87
CA SER B 91 -6.59 15.81 9.58
C SER B 91 -6.76 16.84 8.46
N VAL B 92 -7.89 17.53 8.46
CA VAL B 92 -8.15 18.64 7.54
C VAL B 92 -7.10 19.74 7.72
N ASN B 93 -6.87 20.19 8.95
CA ASN B 93 -5.85 21.19 9.20
C ASN B 93 -4.47 20.76 8.71
N CYS B 94 -4.17 19.47 8.82
CA CYS B 94 -2.86 19.02 8.42
C CYS B 94 -2.83 18.82 6.90
N ALA B 95 -3.92 18.29 6.33
CA ALA B 95 -4.09 18.19 4.87
C ALA B 95 -3.91 19.52 4.16
N LYS B 96 -4.36 20.60 4.79
CA LYS B 96 -4.17 21.95 4.23
C LYS B 96 -2.67 22.32 4.12
N LYS B 97 -1.88 21.97 5.13
CA LYS B 97 -0.42 22.12 5.04
C LYS B 97 0.21 21.24 3.96
N ILE B 98 -0.19 19.97 3.88
CA ILE B 98 0.36 19.07 2.86
C ILE B 98 0.11 19.58 1.43
N VAL B 99 -1.15 19.93 1.12
CA VAL B 99 -1.54 20.35 -0.22
C VAL B 99 -0.94 21.72 -0.57
N SER B 100 -0.41 22.42 0.45
CA SER B 100 0.24 23.72 0.26
C SER B 100 1.75 23.59 0.03
N ASP B 101 2.28 22.38 0.20
CA ASP B 101 3.74 22.22 0.23
C ASP B 101 4.48 22.21 -1.13
N GLY B 102 3.75 22.34 -2.25
CA GLY B 102 4.34 22.49 -3.58
C GLY B 102 3.81 21.56 -4.68
N ASN B 103 3.54 20.32 -4.31
CA ASN B 103 3.09 19.26 -5.24
C ASN B 103 1.54 19.05 -5.28
N GLY B 104 0.78 19.92 -4.60
CA GLY B 104 -0.67 19.85 -4.60
C GLY B 104 -1.09 18.54 -3.98
N MET B 105 -2.09 17.86 -4.58
CA MET B 105 -2.60 16.61 -3.99
C MET B 105 -1.79 15.38 -4.38
N ASN B 106 -0.68 15.58 -5.08
CA ASN B 106 0.15 14.44 -5.56
C ASN B 106 0.74 13.58 -4.45
N ALA B 107 0.83 14.17 -3.26
CA ALA B 107 1.21 13.47 -2.04
C ALA B 107 0.37 12.21 -1.79
N TRP B 108 -0.91 12.28 -2.15
CA TRP B 108 -1.90 11.22 -1.86
C TRP B 108 -1.83 10.26 -3.03
N VAL B 109 -1.15 9.13 -2.79
CA VAL B 109 -0.85 8.12 -3.79
C VAL B 109 -2.12 7.45 -4.33
N ALA B 110 -3.10 7.16 -3.47
CA ALA B 110 -4.33 6.51 -3.95
C ALA B 110 -5.20 7.53 -4.70
N TRP B 111 -5.25 8.78 -4.22
CA TRP B 111 -5.81 9.90 -5.06
C TRP B 111 -5.19 9.97 -6.48
N ARG B 112 -3.86 9.91 -6.51
CA ARG B 112 -3.11 10.08 -7.75
C ARG B 112 -3.45 8.87 -8.66
N ASN B 113 -3.53 7.67 -8.04
CA ASN B 113 -3.88 6.44 -8.72
C ASN B 113 -5.31 6.43 -9.26
N ARG B 114 -6.28 6.76 -8.41
CA ARG B 114 -7.71 6.57 -8.79
C ARG B 114 -8.58 7.83 -9.09
N CYS B 115 -8.21 9.00 -8.54
CA CYS B 115 -9.06 10.20 -8.60
C CYS B 115 -8.56 11.24 -9.55
N LYS B 116 -7.26 11.47 -9.54
CA LYS B 116 -6.62 12.55 -10.32
C LYS B 116 -7.06 12.49 -11.77
N GLY B 117 -7.65 13.57 -12.26
CA GLY B 117 -7.97 13.65 -13.70
C GLY B 117 -9.29 12.99 -14.04
N THR B 118 -10.03 12.52 -13.04
CA THR B 118 -11.32 11.89 -13.32
C THR B 118 -12.41 12.94 -13.04
N ASP B 119 -13.66 12.56 -13.30
CA ASP B 119 -14.83 13.33 -12.90
C ASP B 119 -15.10 13.21 -11.39
N VAL B 120 -14.28 13.90 -10.61
CA VAL B 120 -14.34 13.76 -9.15
C VAL B 120 -15.62 14.30 -8.57
N GLN B 121 -16.26 15.24 -9.26
CA GLN B 121 -17.54 15.80 -8.76
C GLN B 121 -18.65 14.72 -8.58
N ALA B 122 -18.49 13.57 -9.22
CA ALA B 122 -19.38 12.43 -8.98
C ALA B 122 -19.41 12.01 -7.51
N TRP B 123 -18.34 12.28 -6.77
CA TRP B 123 -18.25 11.85 -5.35
C TRP B 123 -19.10 12.72 -4.43
N ILE B 124 -19.51 13.88 -4.89
CA ILE B 124 -20.46 14.69 -4.12
C ILE B 124 -21.86 14.82 -4.72
N ARG B 125 -22.13 14.10 -5.81
CA ARG B 125 -23.45 14.15 -6.44
C ARG B 125 -24.43 13.32 -5.62
N GLY B 126 -25.68 13.75 -5.62
CA GLY B 126 -26.72 13.14 -4.80
C GLY B 126 -26.72 13.68 -3.38
N CYS B 127 -25.71 14.45 -2.99
CA CYS B 127 -25.68 14.93 -1.61
C CYS B 127 -26.43 16.25 -1.48
P PO4 C . -15.79 -0.30 -2.36
O1 PO4 C . -16.95 0.37 -1.71
O2 PO4 C . -16.06 -0.26 -3.87
O3 PO4 C . -14.54 0.46 -2.21
O4 PO4 C . -15.70 -1.74 -1.89
#